data_7GSU
#
_entry.id   7GSU
#
_cell.length_a   89.949
_cell.length_b   89.949
_cell.length_c   106.451
_cell.angle_alpha   90.000
_cell.angle_beta   90.000
_cell.angle_gamma   120.000
#
_symmetry.space_group_name_H-M   'P 31 2 1'
#
loop_
_entity.id
_entity.type
_entity.pdbx_description
1 polymer 'Tyrosine-protein phosphatase non-receptor type 1'
2 non-polymer 2-AMINO-2-HYDROXYMETHYL-PROPANE-1,3-DIOL
3 non-polymer 2-[(morpholin-4-yl)methyl]phenol
4 water water
#
_entity_poly.entity_id   1
_entity_poly.type   'polypeptide(L)'
_entity_poly.pdbx_seq_one_letter_code
;MEMEKEFEQIDKSGSWAAIYQDIRHEASDFPSRVAKLPKNKNRNRYRDVSPFDHSRIKLHQEDNDYINASLIKMEEAQRS
YILTQGPLPNTVGHFWEMVWEQKSRGVVMLNRVMEKGSLKCAQYWPQKEEKEMIFEDTNLKLTLISEDIKSYYTVRQLEL
ENLTTQETREILHFHYTTWPDFGVPESPASFLNFLFKVRESGSLSPEHGPVVVHCSAGIGRSGTFCLADTCLLLMDKRKD
PSSVDIKKVLLEMRKFRMGLIQTADQLRFSYLAVIEGAKFIMGDSSVQDQWKELSHEDLEPPPEHIPPPPRPPKRILEPH
N
;
_entity_poly.pdbx_strand_id   A
#
loop_
_chem_comp.id
_chem_comp.type
_chem_comp.name
_chem_comp.formula
I8M non-polymer 2-[(morpholin-4-yl)methyl]phenol 'C11 H15 N O2'
TRS non-polymer 2-AMINO-2-HYDROXYMETHYL-PROPANE-1,3-DIOL 'C4 H12 N O3 1'
#
# COMPACT_ATOMS: atom_id res chain seq x y z
N MET A 1 -8.86 -25.27 -5.53
CA MET A 1 -9.65 -25.70 -4.33
C MET A 1 -10.34 -24.48 -3.71
N GLU A 2 -11.68 -24.44 -3.70
CA GLU A 2 -12.46 -23.36 -3.02
C GLU A 2 -11.68 -22.95 -1.75
N MET A 3 -11.66 -21.64 -1.49
CA MET A 3 -10.88 -21.02 -0.37
C MET A 3 -11.62 -21.14 0.98
N GLU A 4 -12.95 -21.06 1.04
CA GLU A 4 -13.70 -20.96 2.34
C GLU A 4 -13.67 -22.29 3.11
N LYS A 5 -14.05 -23.40 2.49
CA LYS A 5 -13.93 -24.74 3.12
C LYS A 5 -12.46 -24.96 3.49
N GLU A 6 -11.56 -24.64 2.56
CA GLU A 6 -10.09 -24.71 2.74
C GLU A 6 -9.71 -23.96 4.02
N PHE A 7 -10.19 -22.72 4.17
CA PHE A 7 -9.89 -21.85 5.34
C PHE A 7 -10.18 -22.60 6.64
N GLU A 8 -11.40 -23.14 6.77
CA GLU A 8 -11.88 -23.91 7.94
C GLU A 8 -10.94 -25.09 8.17
N GLN A 9 -10.48 -25.71 7.08
CA GLN A 9 -9.58 -26.90 7.07
C GLN A 9 -8.21 -26.50 7.62
N ILE A 10 -7.69 -25.33 7.24
CA ILE A 10 -6.34 -24.84 7.66
C ILE A 10 -6.44 -24.43 9.13
N ASP A 11 -7.57 -23.84 9.53
CA ASP A 11 -7.91 -23.52 10.95
C ASP A 11 -7.95 -24.84 11.74
N LYS A 12 -8.67 -25.86 11.25
CA LYS A 12 -8.92 -27.09 12.05
C LYS A 12 -7.57 -27.74 12.36
N SER A 13 -6.66 -27.75 11.39
CA SER A 13 -5.32 -28.40 11.49
C SER A 13 -4.29 -27.46 12.15
N GLY A 14 -4.63 -26.19 12.36
CA GLY A 14 -3.77 -25.15 12.97
C GLY A 14 -2.42 -25.00 12.28
N SER A 15 -2.37 -24.92 10.95
CA SER A 15 -1.10 -24.99 10.18
C SER A 15 -0.71 -23.65 9.50
N TRP A 16 -1.24 -22.53 9.98
CA TRP A 16 -1.03 -21.19 9.38
C TRP A 16 0.49 -20.87 9.37
N ALA A 17 1.19 -21.14 10.47
CA ALA A 17 2.66 -20.92 10.56
C ALA A 17 3.38 -21.72 9.45
N ALA A 18 2.96 -22.95 9.18
CA ALA A 18 3.66 -23.81 8.21
C ALA A 18 3.41 -23.30 6.78
N ILE A 19 2.16 -22.94 6.45
CA ILE A 19 1.79 -22.36 5.14
C ILE A 19 2.62 -21.07 4.90
N TYR A 20 2.68 -20.20 5.93
CA TYR A 20 3.36 -18.88 5.83
C TYR A 20 4.84 -19.11 5.57
N GLN A 21 5.47 -20.06 6.29
CA GLN A 21 6.92 -20.33 6.09
C GLN A 21 7.19 -20.88 4.69
N ASP A 22 6.30 -21.70 4.10
CA ASP A 22 6.41 -22.20 2.69
C ASP A 22 6.46 -21.00 1.72
N ILE A 23 5.60 -20.00 1.91
CA ILE A 23 5.64 -18.74 1.10
C ILE A 23 7.00 -18.06 1.27
N ARG A 24 7.48 -17.93 2.51
CA ARG A 24 8.77 -17.24 2.77
C ARG A 24 9.90 -17.94 2.01
N HIS A 25 9.89 -19.28 1.99
CA HIS A 25 10.97 -20.11 1.38
C HIS A 25 10.94 -20.05 -0.15
N GLU A 26 9.76 -19.95 -0.76
CA GLU A 26 9.57 -19.91 -2.24
C GLU A 26 9.66 -18.50 -2.83
N ALA A 27 9.65 -17.44 -2.00
CA ALA A 27 9.62 -16.02 -2.47
C ALA A 27 10.89 -15.72 -3.27
N SER A 28 10.74 -14.85 -4.27
CA SER A 28 11.82 -14.32 -5.12
C SER A 28 12.88 -13.63 -4.28
N ASP A 29 14.14 -13.68 -4.75
CA ASP A 29 15.29 -12.92 -4.23
C ASP A 29 15.95 -12.26 -5.43
N PHE A 30 15.88 -10.93 -5.49
CA PHE A 30 16.43 -10.07 -6.54
C PHE A 30 17.35 -9.08 -5.85
N PRO A 31 18.34 -8.51 -6.55
CA PRO A 31 19.22 -7.51 -5.95
C PRO A 31 18.48 -6.19 -5.59
N SER A 32 18.94 -5.56 -4.50
CA SER A 32 18.57 -4.17 -4.07
C SER A 32 19.84 -3.35 -3.84
N ARG A 33 20.73 -3.26 -4.82
CA ARG A 33 22.06 -2.59 -4.66
C ARG A 33 21.87 -1.08 -4.46
N VAL A 34 20.93 -0.42 -5.15
CA VAL A 34 20.79 1.06 -5.01
C VAL A 34 20.38 1.37 -3.55
N ALA A 35 19.45 0.62 -2.98
CA ALA A 35 18.92 0.84 -1.59
C ALA A 35 20.06 0.81 -0.59
N LYS A 36 21.08 -0.03 -0.84
CA LYS A 36 22.17 -0.30 0.14
C LYS A 36 23.35 0.66 -0.05
N LEU A 37 23.36 1.55 -1.03
CA LEU A 37 24.48 2.54 -1.17
C LEU A 37 24.55 3.40 0.09
N PRO A 38 25.77 3.70 0.62
CA PRO A 38 25.87 4.51 1.83
C PRO A 38 25.14 5.86 1.74
N LYS A 39 25.13 6.52 0.59
CA LYS A 39 24.47 7.84 0.43
C LYS A 39 22.94 7.69 0.69
N ASN A 40 22.38 6.47 0.75
CA ASN A 40 20.91 6.29 0.88
C ASN A 40 20.51 5.83 2.28
N LYS A 41 21.45 5.75 3.25
CA LYS A 41 21.10 5.15 4.55
C LYS A 41 19.96 5.95 5.23
N ASN A 42 19.96 7.27 5.15
CA ASN A 42 18.90 8.08 5.84
C ASN A 42 17.62 8.16 4.98
N ARG A 43 17.50 7.41 3.88
CA ARG A 43 16.27 7.32 3.04
C ARG A 43 15.52 6.02 3.31
N ASN A 44 16.01 5.15 4.17
CA ASN A 44 15.38 3.87 4.53
C ASN A 44 14.99 3.86 6.00
N ARG A 45 13.75 3.49 6.28
CA ARG A 45 13.25 3.38 7.66
C ARG A 45 13.84 2.15 8.32
N TYR A 46 13.89 1.03 7.61
CA TYR A 46 14.28 -0.28 8.16
C TYR A 46 15.38 -0.89 7.28
N ARG A 47 16.47 -1.34 7.90
CA ARG A 47 17.65 -1.89 7.19
C ARG A 47 17.30 -3.18 6.39
N ASP A 48 16.29 -3.92 6.82
CA ASP A 48 15.89 -5.22 6.22
C ASP A 48 14.70 -5.08 5.25
N VAL A 49 14.27 -3.84 4.91
CA VAL A 49 13.13 -3.64 3.94
C VAL A 49 13.61 -2.69 2.86
N SER A 50 13.88 -3.19 1.66
CA SER A 50 14.42 -2.45 0.53
C SER A 50 13.65 -2.82 -0.74
N PRO A 51 13.51 -1.85 -1.67
CA PRO A 51 12.95 -2.11 -3.01
C PRO A 51 14.01 -2.86 -3.86
N PHE A 52 13.58 -3.86 -4.61
CA PHE A 52 14.44 -4.47 -5.68
C PHE A 52 14.82 -3.41 -6.69
N ASP A 53 16.04 -3.51 -7.27
CA ASP A 53 16.47 -2.63 -8.37
C ASP A 53 15.51 -2.69 -9.58
N HIS A 54 15.01 -3.85 -9.96
CA HIS A 54 14.29 -4.00 -11.24
C HIS A 54 12.95 -3.25 -11.21
N SER A 55 12.36 -3.07 -10.02
CA SER A 55 10.96 -2.58 -9.87
C SER A 55 10.93 -1.27 -9.05
N ARG A 56 12.06 -0.73 -8.65
CA ARG A 56 12.05 0.50 -7.80
C ARG A 56 11.50 1.69 -8.59
N ILE A 57 10.82 2.63 -7.88
CA ILE A 57 10.43 3.91 -8.50
C ILE A 57 11.64 4.84 -8.48
N LYS A 58 11.99 5.39 -9.66
CA LYS A 58 13.01 6.45 -9.79
C LYS A 58 12.41 7.86 -9.72
N LEU A 59 12.99 8.69 -8.85
CA LEU A 59 12.72 10.15 -8.85
C LEU A 59 13.33 10.77 -10.12
N HIS A 60 12.67 11.77 -10.70
CA HIS A 60 13.16 12.47 -11.94
C HIS A 60 14.15 13.55 -11.52
N GLN A 61 15.37 13.16 -11.14
CA GLN A 61 16.43 14.16 -10.86
C GLN A 61 17.79 13.50 -10.92
N GLU A 62 18.81 14.26 -11.30
CA GLU A 62 20.14 13.73 -11.70
C GLU A 62 20.98 13.50 -10.45
N ASP A 63 20.77 14.29 -9.41
CA ASP A 63 21.53 14.25 -8.13
C ASP A 63 21.37 12.86 -7.48
N ASN A 64 20.15 12.53 -7.03
CA ASN A 64 19.89 11.22 -6.35
C ASN A 64 18.45 10.80 -6.66
N ASP A 65 18.26 9.72 -7.40
CA ASP A 65 16.92 9.29 -7.88
C ASP A 65 16.28 8.31 -6.89
N TYR A 66 16.84 8.10 -5.71
CA TYR A 66 16.40 6.97 -4.85
C TYR A 66 15.21 7.36 -3.91
N ILE A 67 14.21 6.47 -3.87
CA ILE A 67 13.13 6.45 -2.84
C ILE A 67 12.81 4.99 -2.52
N ASN A 68 12.51 4.68 -1.29
CA ASN A 68 12.08 3.32 -0.85
C ASN A 68 10.63 3.08 -1.31
N ALA A 69 10.42 2.66 -2.56
CA ALA A 69 9.11 2.48 -3.18
C ALA A 69 9.26 1.51 -4.38
N SER A 70 8.24 0.71 -4.60
CA SER A 70 8.23 -0.35 -5.65
C SER A 70 6.97 -0.27 -6.50
N LEU A 71 7.10 -0.56 -7.82
CA LEU A 71 5.91 -0.72 -8.72
C LEU A 71 5.47 -2.17 -8.78
N ILE A 72 4.28 -2.51 -8.29
CA ILE A 72 3.68 -3.85 -8.33
C ILE A 72 2.76 -3.85 -9.57
N LYS A 73 3.10 -4.54 -10.67
CA LYS A 73 2.31 -4.51 -11.91
C LYS A 73 1.60 -5.85 -12.12
N MET A 74 0.26 -5.94 -11.96
CA MET A 74 -0.46 -7.24 -11.95
C MET A 74 -1.08 -7.39 -13.37
N GLU A 75 -0.43 -8.20 -14.22
CA GLU A 75 -0.72 -8.29 -15.68
C GLU A 75 -2.14 -8.80 -15.94
N GLU A 76 -2.53 -9.92 -15.37
CA GLU A 76 -3.88 -10.52 -15.63
C GLU A 76 -4.96 -9.63 -15.05
N ALA A 77 -4.78 -9.12 -13.82
CA ALA A 77 -5.82 -8.24 -13.21
C ALA A 77 -5.86 -6.85 -13.85
N GLN A 78 -4.82 -6.36 -14.56
CA GLN A 78 -4.76 -5.02 -15.16
C GLN A 78 -4.88 -3.98 -14.03
N ARG A 79 -4.11 -4.17 -12.96
CA ARG A 79 -4.00 -3.17 -11.86
C ARG A 79 -2.51 -2.93 -11.61
N SER A 80 -2.14 -1.72 -11.27
CA SER A 80 -0.76 -1.41 -10.78
C SER A 80 -0.87 -0.64 -9.44
N TYR A 81 0.12 -0.84 -8.58
CA TYR A 81 0.15 -0.18 -7.23
C TYR A 81 1.58 0.28 -7.01
N ILE A 82 1.79 1.41 -6.34
CA ILE A 82 3.14 1.72 -5.81
C ILE A 82 3.05 1.44 -4.32
N LEU A 83 3.91 0.57 -3.77
CA LEU A 83 3.97 0.33 -2.33
C LEU A 83 5.24 0.98 -1.77
N THR A 84 5.11 1.79 -0.70
CA THR A 84 6.22 2.61 -0.19
C THR A 84 6.19 2.58 1.37
N GLN A 85 7.30 2.92 2.00
CA GLN A 85 7.39 3.07 3.47
C GLN A 85 6.62 4.35 3.87
N GLY A 86 6.27 4.47 5.13
CA GLY A 86 5.85 5.77 5.67
C GLY A 86 7.01 6.76 5.52
N PRO A 87 6.76 7.97 4.99
CA PRO A 87 7.81 8.95 4.80
C PRO A 87 8.54 9.33 6.10
N LEU A 88 9.84 9.58 5.98
CA LEU A 88 10.76 10.03 7.05
C LEU A 88 10.87 11.55 7.00
N PRO A 89 11.35 12.19 8.09
CA PRO A 89 11.52 13.63 8.07
C PRO A 89 12.32 14.12 6.87
N ASN A 90 13.35 13.38 6.45
CA ASN A 90 14.13 13.86 5.28
C ASN A 90 13.59 13.35 3.94
N THR A 91 12.51 12.57 3.88
CA THR A 91 11.96 12.11 2.57
C THR A 91 10.52 12.56 2.31
N VAL A 92 9.96 13.53 3.08
CA VAL A 92 8.58 13.97 2.78
C VAL A 92 8.54 14.70 1.42
N GLY A 93 9.56 15.47 1.04
CA GLY A 93 9.63 16.15 -0.25
C GLY A 93 9.76 15.14 -1.39
N HIS A 94 10.56 14.09 -1.20
CA HIS A 94 10.68 12.99 -2.23
C HIS A 94 9.34 12.30 -2.44
N PHE A 95 8.62 11.99 -1.35
CA PHE A 95 7.29 11.33 -1.37
C PHE A 95 6.34 12.09 -2.32
N TRP A 96 6.17 13.42 -2.10
CA TRP A 96 5.26 14.21 -2.91
C TRP A 96 5.79 14.40 -4.36
N GLU A 97 7.09 14.43 -4.57
CA GLU A 97 7.74 14.45 -5.91
C GLU A 97 7.29 13.18 -6.68
N MET A 98 7.34 12.01 -6.01
CA MET A 98 6.90 10.73 -6.59
C MET A 98 5.41 10.78 -6.97
N VAL A 99 4.53 11.25 -6.06
CA VAL A 99 3.07 11.33 -6.38
C VAL A 99 2.87 12.21 -7.65
N TRP A 100 3.59 13.33 -7.74
CA TRP A 100 3.50 14.31 -8.86
C TRP A 100 3.97 13.60 -10.15
N GLU A 101 5.17 13.03 -10.09
CA GLU A 101 5.83 12.46 -11.32
C GLU A 101 5.11 11.24 -11.85
N GLN A 102 4.53 10.39 -10.99
CA GLN A 102 3.82 9.15 -11.35
C GLN A 102 2.35 9.40 -11.70
N LYS A 103 1.82 10.64 -11.56
CA LYS A 103 0.43 11.03 -11.91
C LYS A 103 -0.63 10.31 -11.10
N SER A 104 -0.30 9.98 -9.84
CA SER A 104 -1.22 9.30 -8.94
C SER A 104 -2.40 10.24 -8.57
N ARG A 105 -3.60 9.68 -8.38
CA ARG A 105 -4.83 10.42 -7.95
C ARG A 105 -5.13 10.14 -6.47
N GLY A 106 -4.56 9.08 -5.90
CA GLY A 106 -4.88 8.68 -4.53
C GLY A 106 -3.64 8.27 -3.74
N VAL A 107 -3.67 8.54 -2.43
CA VAL A 107 -2.67 7.99 -1.46
C VAL A 107 -3.49 7.22 -0.44
N VAL A 108 -3.11 5.99 -0.12
CA VAL A 108 -3.76 5.10 0.86
C VAL A 108 -2.80 4.91 2.05
N MET A 109 -3.22 5.36 3.23
CA MET A 109 -2.42 5.31 4.48
C MET A 109 -3.06 4.32 5.46
N LEU A 110 -2.33 3.28 5.91
CA LEU A 110 -2.95 2.19 6.72
C LEU A 110 -2.44 2.19 8.19
N ASN A 111 -1.72 3.23 8.57
CA ASN A 111 -1.13 3.37 9.94
C ASN A 111 -1.54 4.71 10.53
N ARG A 112 -1.34 4.84 11.86
CA ARG A 112 -1.37 6.16 12.56
C ARG A 112 0.05 6.69 12.64
N VAL A 113 0.22 8.02 12.71
CA VAL A 113 1.52 8.67 12.85
C VAL A 113 2.25 8.15 14.11
N MET A 114 1.52 8.00 15.21
CA MET A 114 2.05 7.36 16.44
C MET A 114 1.31 6.04 16.72
N GLU A 115 2.07 4.96 16.89
CA GLU A 115 1.48 3.66 17.35
C GLU A 115 2.48 3.05 18.37
N LYS A 116 1.98 2.37 19.38
CA LYS A 116 2.87 1.72 20.38
C LYS A 116 3.79 2.78 21.05
N GLY A 117 3.34 4.04 21.13
CA GLY A 117 4.14 5.14 21.75
C GLY A 117 5.36 5.57 20.97
N SER A 118 5.50 5.24 19.66
CA SER A 118 6.68 5.60 18.84
C SER A 118 6.21 6.18 17.50
N LEU A 119 7.04 6.96 16.85
CA LEU A 119 6.62 7.56 15.57
C LEU A 119 6.76 6.51 14.43
N LYS A 120 5.69 6.25 13.69
CA LYS A 120 5.68 5.28 12.58
C LYS A 120 5.81 5.96 11.21
N CYS A 121 5.56 7.27 11.11
CA CYS A 121 5.81 8.07 9.90
C CYS A 121 5.68 9.55 10.22
N ALA A 122 6.30 10.37 9.40
CA ALA A 122 6.28 11.84 9.53
C ALA A 122 4.83 12.36 9.37
N GLN A 123 4.52 13.52 9.96
CA GLN A 123 3.25 14.25 9.68
C GLN A 123 3.43 14.93 8.33
N TYR A 124 3.06 14.27 7.21
CA TYR A 124 3.52 14.68 5.87
C TYR A 124 2.42 15.42 5.10
N TRP A 125 1.26 15.67 5.74
CA TRP A 125 0.16 16.44 5.11
C TRP A 125 -0.32 17.50 6.13
N PRO A 126 -0.89 18.63 5.63
CA PRO A 126 -1.34 19.72 6.53
C PRO A 126 -2.65 19.39 7.23
N GLN A 127 -2.77 19.87 8.50
CA GLN A 127 -3.90 19.50 9.37
C GLN A 127 -4.98 20.62 9.40
N LYS A 128 -4.62 21.80 8.95
CA LYS A 128 -5.50 22.99 8.87
C LYS A 128 -5.42 23.64 7.49
N GLU A 129 -6.60 24.01 6.97
CA GLU A 129 -6.75 24.72 5.67
C GLU A 129 -5.75 25.88 5.54
N GLU A 130 -5.70 26.78 6.55
CA GLU A 130 -4.96 28.05 6.43
C GLU A 130 -3.46 27.86 6.71
N LYS A 131 -3.00 26.64 7.01
CA LYS A 131 -1.55 26.37 7.26
C LYS A 131 -1.03 25.35 6.22
N GLU A 132 -0.69 25.84 5.03
CA GLU A 132 -0.24 24.94 3.96
C GLU A 132 1.20 24.53 4.24
N MET A 133 1.70 23.53 3.48
CA MET A 133 3.09 23.02 3.61
C MET A 133 3.83 23.31 2.32
N ILE A 134 5.05 23.80 2.44
CA ILE A 134 5.99 23.97 1.28
C ILE A 134 7.18 23.01 1.50
N PHE A 135 7.54 22.26 0.45
CA PHE A 135 8.68 21.30 0.41
C PHE A 135 9.74 21.98 -0.48
N GLU A 136 10.71 22.66 0.13
CA GLU A 136 11.64 23.53 -0.63
C GLU A 136 12.57 22.67 -1.49
N ASP A 137 12.98 21.49 -0.98
CA ASP A 137 13.93 20.60 -1.70
C ASP A 137 13.32 20.15 -3.04
N THR A 138 12.00 19.93 -3.17
CA THR A 138 11.37 19.45 -4.43
C THR A 138 10.42 20.49 -5.11
N ASN A 139 10.29 21.68 -4.51
CA ASN A 139 9.53 22.82 -5.08
C ASN A 139 8.05 22.50 -5.24
N LEU A 140 7.41 21.97 -4.19
CA LEU A 140 5.97 21.62 -4.20
C LEU A 140 5.28 22.34 -3.02
N LYS A 141 4.01 22.66 -3.22
CA LYS A 141 3.12 23.20 -2.18
C LYS A 141 1.91 22.29 -2.02
N LEU A 142 1.51 22.05 -0.78
CA LEU A 142 0.40 21.12 -0.47
C LEU A 142 -0.58 21.83 0.48
N THR A 143 -1.85 21.84 0.12
CA THR A 143 -2.94 22.53 0.88
C THR A 143 -4.04 21.56 1.21
N LEU A 144 -4.54 21.59 2.45
CA LEU A 144 -5.71 20.83 2.86
C LEU A 144 -6.95 21.55 2.33
N ILE A 145 -7.78 20.88 1.52
CA ILE A 145 -9.03 21.48 0.92
C ILE A 145 -10.24 21.11 1.75
N SER A 146 -10.39 19.88 2.21
CA SER A 146 -11.53 19.38 3.03
C SER A 146 -11.12 18.07 3.69
N GLU A 147 -11.83 17.71 4.75
CA GLU A 147 -11.58 16.50 5.56
C GLU A 147 -12.94 15.94 5.97
N ASP A 148 -13.18 14.64 5.75
CA ASP A 148 -14.39 13.91 6.21
C ASP A 148 -13.94 12.79 7.16
N ILE A 149 -14.23 12.94 8.45
CA ILE A 149 -13.84 11.96 9.52
C ILE A 149 -15.00 11.01 9.79
N LYS A 150 -14.80 9.71 9.58
CA LYS A 150 -15.79 8.64 9.82
C LYS A 150 -15.23 7.74 10.91
N SER A 151 -16.00 6.74 11.35
CA SER A 151 -15.64 5.94 12.53
C SER A 151 -14.38 5.08 12.30
N TYR A 152 -14.17 4.65 11.05
CA TYR A 152 -13.14 3.65 10.69
C TYR A 152 -12.09 4.22 9.71
N TYR A 153 -12.36 5.35 9.07
CA TYR A 153 -11.45 6.00 8.10
C TYR A 153 -11.77 7.49 8.00
N THR A 154 -10.76 8.25 7.54
CA THR A 154 -10.89 9.67 7.17
C THR A 154 -10.50 9.80 5.71
N VAL A 155 -11.26 10.57 4.92
CA VAL A 155 -10.88 10.95 3.53
C VAL A 155 -10.62 12.45 3.47
N ARG A 156 -9.47 12.83 2.91
CA ARG A 156 -9.07 14.24 2.73
C ARG A 156 -8.93 14.59 1.27
N GLN A 157 -9.40 15.78 0.88
CA GLN A 157 -9.04 16.37 -0.43
C GLN A 157 -7.86 17.30 -0.23
N LEU A 158 -6.76 17.09 -1.00
CA LEU A 158 -5.52 17.90 -0.96
C LEU A 158 -5.26 18.54 -2.32
N GLU A 159 -4.67 19.74 -2.35
CA GLU A 159 -4.22 20.36 -3.60
C GLU A 159 -2.70 20.34 -3.64
N LEU A 160 -2.11 19.66 -4.64
CA LEU A 160 -0.64 19.67 -4.83
C LEU A 160 -0.30 20.58 -6.01
N GLU A 161 0.55 21.57 -5.77
CA GLU A 161 1.03 22.54 -6.76
C GLU A 161 2.50 22.34 -7.03
N ASN A 162 2.81 22.12 -8.30
CA ASN A 162 4.22 22.18 -8.79
C ASN A 162 4.61 23.64 -8.91
N LEU A 163 5.46 24.15 -8.00
CA LEU A 163 5.75 25.62 -7.94
C LEU A 163 6.56 26.05 -9.19
N THR A 164 7.26 25.12 -9.83
CA THR A 164 8.09 25.36 -11.05
C THR A 164 7.19 25.78 -12.22
N THR A 165 6.02 25.15 -12.41
CA THR A 165 5.10 25.33 -13.58
C THR A 165 3.76 25.96 -13.20
N GLN A 166 3.48 26.09 -11.90
CA GLN A 166 2.20 26.59 -11.34
C GLN A 166 1.05 25.68 -11.75
N GLU A 167 1.29 24.44 -12.19
CA GLU A 167 0.20 23.47 -12.39
C GLU A 167 -0.26 22.94 -11.01
N THR A 168 -1.55 22.63 -10.89
CA THR A 168 -2.18 22.09 -9.66
C THR A 168 -2.88 20.79 -10.01
N ARG A 169 -3.02 19.89 -9.03
CA ARG A 169 -3.83 18.68 -9.13
C ARG A 169 -4.48 18.36 -7.81
N GLU A 170 -5.65 17.72 -7.85
CA GLU A 170 -6.44 17.25 -6.69
C GLU A 170 -6.03 15.81 -6.31
N ILE A 171 -5.41 15.64 -5.14
CA ILE A 171 -5.03 14.30 -4.60
C ILE A 171 -6.02 13.91 -3.49
N LEU A 172 -6.50 12.67 -3.51
CA LEU A 172 -7.39 12.13 -2.46
C LEU A 172 -6.55 11.30 -1.46
N HIS A 173 -6.66 11.62 -0.18
CA HIS A 173 -5.95 10.90 0.91
C HIS A 173 -6.93 10.01 1.64
N PHE A 174 -6.80 8.68 1.50
CA PHE A 174 -7.65 7.66 2.18
C PHE A 174 -6.89 7.08 3.36
N HIS A 175 -7.33 7.43 4.59
CA HIS A 175 -6.61 7.12 5.84
C HIS A 175 -7.39 6.14 6.68
N TYR A 176 -7.01 4.86 6.68
CA TYR A 176 -7.62 3.84 7.53
C TYR A 176 -7.02 3.98 8.94
N THR A 177 -7.85 4.39 9.92
CA THR A 177 -7.35 4.88 11.24
C THR A 177 -7.51 3.88 12.41
N THR A 178 -8.06 2.69 12.15
CA THR A 178 -8.55 1.73 13.17
C THR A 178 -7.78 0.40 13.20
N TRP A 179 -6.74 0.18 12.38
CA TRP A 179 -5.94 -1.07 12.49
C TRP A 179 -5.38 -1.13 13.92
N PRO A 180 -5.51 -2.25 14.65
CA PRO A 180 -5.07 -2.31 16.05
C PRO A 180 -3.55 -2.30 16.21
N ASP A 181 -3.05 -1.63 17.27
CA ASP A 181 -1.60 -1.53 17.56
C ASP A 181 -0.97 -2.94 17.41
N PHE A 182 -1.62 -3.99 17.96
CA PHE A 182 -1.14 -5.41 17.92
C PHE A 182 -2.12 -6.30 17.14
N GLY A 183 -1.58 -7.28 16.41
CA GLY A 183 -2.42 -8.25 15.67
C GLY A 183 -3.17 -7.65 14.47
N VAL A 184 -4.33 -8.26 14.12
CA VAL A 184 -5.14 -7.89 12.93
C VAL A 184 -6.58 -7.65 13.39
N PRO A 185 -7.43 -6.97 12.60
CA PRO A 185 -8.84 -6.77 13.00
C PRO A 185 -9.56 -8.12 13.15
N GLU A 186 -10.45 -8.23 14.13
CA GLU A 186 -11.24 -9.47 14.35
C GLU A 186 -12.15 -9.76 13.15
N SER A 187 -12.77 -8.75 12.56
CA SER A 187 -13.63 -8.87 11.36
C SER A 187 -13.02 -8.05 10.21
N PRO A 188 -13.09 -8.51 8.93
CA PRO A 188 -12.57 -7.73 7.82
C PRO A 188 -13.58 -6.73 7.29
N ALA A 189 -14.76 -6.61 7.92
CA ALA A 189 -15.84 -5.77 7.37
C ALA A 189 -15.42 -4.31 7.18
N SER A 190 -14.79 -3.62 8.15
CA SER A 190 -14.45 -2.20 7.96
C SER A 190 -13.32 -2.05 6.90
N PHE A 191 -12.36 -2.96 6.86
CA PHE A 191 -11.23 -2.91 5.88
C PHE A 191 -11.80 -3.04 4.44
N LEU A 192 -12.72 -3.99 4.25
CA LEU A 192 -13.37 -4.23 2.93
C LEU A 192 -14.18 -3.00 2.54
N ASN A 193 -14.97 -2.41 3.46
CA ASN A 193 -15.71 -1.15 3.20
C ASN A 193 -14.74 -0.05 2.74
N PHE A 194 -13.59 0.10 3.42
CA PHE A 194 -12.55 1.09 3.08
C PHE A 194 -12.06 0.84 1.64
N LEU A 195 -11.74 -0.41 1.34
CA LEU A 195 -11.24 -0.80 -0.04
C LEU A 195 -12.27 -0.31 -1.07
N PHE A 196 -13.55 -0.56 -0.79
CA PHE A 196 -14.68 -0.22 -1.70
C PHE A 196 -14.75 1.30 -1.87
N LYS A 197 -14.45 2.09 -0.83
CA LYS A 197 -14.43 3.58 -0.93
C LYS A 197 -13.27 4.05 -1.81
N VAL A 198 -12.08 3.42 -1.66
CA VAL A 198 -10.95 3.81 -2.55
C VAL A 198 -11.33 3.51 -4.03
N ARG A 199 -11.86 2.32 -4.27
CA ARG A 199 -12.28 1.86 -5.63
C ARG A 199 -13.27 2.88 -6.21
N GLU A 200 -14.29 3.23 -5.42
CA GLU A 200 -15.42 4.07 -5.91
C GLU A 200 -14.91 5.48 -6.23
N SER A 201 -13.74 5.88 -5.70
CA SER A 201 -13.12 7.22 -5.91
C SER A 201 -12.46 7.37 -7.29
N GLY A 202 -12.15 6.27 -7.99
CA GLY A 202 -11.40 6.30 -9.27
C GLY A 202 -9.88 6.23 -9.10
N SER A 203 -9.38 6.21 -7.86
CA SER A 203 -7.93 6.23 -7.53
C SER A 203 -7.21 4.97 -8.07
N LEU A 204 -7.95 3.86 -8.29
CA LEU A 204 -7.34 2.56 -8.71
C LEU A 204 -7.51 2.33 -10.20
N SER A 205 -8.07 3.30 -10.90
CA SER A 205 -8.49 3.12 -12.31
C SER A 205 -7.37 3.48 -13.27
N PRO A 206 -7.38 2.88 -14.50
CA PRO A 206 -6.29 3.08 -15.44
C PRO A 206 -6.18 4.46 -16.09
N GLU A 207 -7.17 5.32 -15.91
CA GLU A 207 -7.02 6.71 -16.40
C GLU A 207 -6.04 7.53 -15.53
N HIS A 208 -5.64 7.03 -14.36
CA HIS A 208 -4.68 7.73 -13.46
C HIS A 208 -3.36 6.90 -13.35
N GLY A 209 -2.28 7.52 -12.90
CA GLY A 209 -1.08 6.80 -12.46
C GLY A 209 -1.43 5.86 -11.30
N PRO A 210 -0.50 4.94 -10.93
CA PRO A 210 -0.81 3.99 -9.86
C PRO A 210 -1.10 4.69 -8.52
N VAL A 211 -2.03 4.11 -7.77
CA VAL A 211 -2.27 4.51 -6.34
C VAL A 211 -0.94 4.37 -5.56
N VAL A 212 -0.68 5.28 -4.60
CA VAL A 212 0.46 5.10 -3.67
C VAL A 212 -0.07 4.51 -2.38
N VAL A 213 0.40 3.34 -1.92
CA VAL A 213 -0.10 2.65 -0.72
C VAL A 213 1.04 2.57 0.31
N HIS A 214 0.83 2.97 1.57
CA HIS A 214 1.90 2.83 2.60
C HIS A 214 1.32 2.44 3.99
N CYS A 215 2.20 1.87 4.79
CA CYS A 215 2.01 1.70 6.26
C CYS A 215 3.30 2.18 6.91
N SER A 216 3.87 1.49 7.91
CA SER A 216 5.22 1.94 8.37
C SER A 216 6.32 1.42 7.45
N ALA A 217 6.43 0.09 7.21
CA ALA A 217 7.46 -0.46 6.29
C ALA A 217 7.00 -0.55 4.83
N GLY A 218 5.70 -0.49 4.57
CA GLY A 218 5.12 -0.67 3.22
C GLY A 218 5.14 -2.12 2.73
N ILE A 219 5.02 -3.11 3.62
CA ILE A 219 4.96 -4.55 3.19
C ILE A 219 3.84 -5.30 3.87
N GLY A 220 3.47 -4.99 5.12
CA GLY A 220 2.50 -5.82 5.87
C GLY A 220 1.06 -5.45 5.62
N ARG A 221 0.52 -4.43 6.30
CA ARG A 221 -0.84 -3.91 5.99
C ARG A 221 -0.95 -3.55 4.50
N SER A 222 0.06 -2.89 3.95
CA SER A 222 0.09 -2.47 2.52
C SER A 222 -0.07 -3.70 1.63
N GLY A 223 0.65 -4.80 1.94
CA GLY A 223 0.51 -6.08 1.19
C GLY A 223 -0.89 -6.65 1.26
N THR A 224 -1.55 -6.55 2.40
CA THR A 224 -2.92 -7.07 2.62
C THR A 224 -3.90 -6.30 1.71
N PHE A 225 -3.76 -4.99 1.63
CA PHE A 225 -4.63 -4.13 0.79
C PHE A 225 -4.54 -4.53 -0.69
N CYS A 226 -3.33 -4.57 -1.26
CA CYS A 226 -3.17 -4.91 -2.73
C CYS A 226 -3.58 -6.37 -2.98
N LEU A 227 -3.21 -7.31 -2.13
CA LEU A 227 -3.54 -8.75 -2.30
C LEU A 227 -5.07 -8.91 -2.32
N ALA A 228 -5.78 -8.31 -1.38
CA ALA A 228 -7.25 -8.46 -1.36
C ALA A 228 -7.86 -7.84 -2.60
N ASP A 229 -7.45 -6.63 -2.98
CA ASP A 229 -8.00 -5.94 -4.18
C ASP A 229 -7.79 -6.81 -5.46
N THR A 230 -6.57 -7.28 -5.70
CA THR A 230 -6.26 -8.07 -6.93
C THR A 230 -7.06 -9.38 -6.92
N CYS A 231 -7.13 -10.09 -5.80
CA CYS A 231 -7.83 -11.40 -5.76
C CYS A 231 -9.33 -11.23 -6.10
N LEU A 232 -9.98 -10.21 -5.52
CA LEU A 232 -11.42 -9.95 -5.72
C LEU A 232 -11.68 -9.54 -7.18
N LEU A 233 -10.79 -8.75 -7.81
CA LEU A 233 -10.95 -8.40 -9.24
C LEU A 233 -10.84 -9.69 -10.08
N LEU A 234 -9.86 -10.56 -9.81
CA LEU A 234 -9.66 -11.81 -10.60
C LEU A 234 -10.91 -12.70 -10.53
N MET A 235 -11.62 -12.69 -9.40
CA MET A 235 -12.84 -13.53 -9.22
C MET A 235 -13.93 -13.06 -10.17
N ASP A 236 -13.95 -11.75 -10.50
CA ASP A 236 -14.98 -11.11 -11.37
C ASP A 236 -14.60 -11.22 -12.86
N LYS A 237 -13.33 -11.50 -13.13
CA LYS A 237 -12.79 -11.63 -14.52
C LYS A 237 -12.95 -13.07 -15.00
N ARG A 238 -12.77 -14.07 -14.11
CA ARG A 238 -12.62 -15.51 -14.48
C ARG A 238 -13.98 -16.23 -14.56
N LYS A 239 -14.09 -17.24 -15.44
CA LYS A 239 -15.33 -18.07 -15.54
C LYS A 239 -15.54 -18.81 -14.22
N ASP A 240 -14.45 -19.25 -13.58
CA ASP A 240 -14.48 -20.06 -12.35
C ASP A 240 -13.84 -19.25 -11.23
N PRO A 241 -14.62 -18.53 -10.40
CA PRO A 241 -14.05 -17.73 -9.31
C PRO A 241 -13.25 -18.57 -8.29
N SER A 242 -13.47 -19.89 -8.24
CA SER A 242 -12.83 -20.79 -7.26
C SER A 242 -11.39 -21.15 -7.68
N SER A 243 -10.98 -20.84 -8.92
CA SER A 243 -9.62 -21.11 -9.47
C SER A 243 -8.59 -20.10 -8.92
N VAL A 244 -9.05 -18.99 -8.35
CA VAL A 244 -8.14 -17.90 -7.81
C VAL A 244 -7.36 -18.48 -6.63
N ASP A 245 -6.03 -18.49 -6.71
CA ASP A 245 -5.14 -19.11 -5.70
C ASP A 245 -4.38 -17.97 -4.97
N ILE A 246 -4.85 -17.62 -3.77
CA ILE A 246 -4.30 -16.43 -3.05
C ILE A 246 -2.79 -16.61 -2.81
N LYS A 247 -2.31 -17.83 -2.54
CA LYS A 247 -0.87 -18.03 -2.32
C LYS A 247 -0.12 -17.76 -3.61
N LYS A 248 -0.64 -18.20 -4.77
CA LYS A 248 0.02 -17.91 -6.07
C LYS A 248 -0.01 -16.40 -6.40
N VAL A 249 -1.08 -15.71 -6.12
CA VAL A 249 -1.12 -14.23 -6.36
C VAL A 249 -0.06 -13.54 -5.46
N LEU A 250 0.01 -13.91 -4.20
CA LEU A 250 0.99 -13.32 -3.23
C LEU A 250 2.40 -13.58 -3.74
N LEU A 251 2.73 -14.81 -4.17
CA LEU A 251 4.09 -15.03 -4.72
C LEU A 251 4.38 -14.22 -5.99
N GLU A 252 3.37 -13.99 -6.88
CA GLU A 252 3.54 -13.08 -8.03
C GLU A 252 3.86 -11.65 -7.54
N MET A 253 3.11 -11.14 -6.55
CA MET A 253 3.38 -9.77 -6.02
C MET A 253 4.77 -9.67 -5.39
N ARG A 254 5.24 -10.73 -4.73
CA ARG A 254 6.59 -10.79 -4.10
C ARG A 254 7.71 -10.80 -5.14
N LYS A 255 7.41 -10.97 -6.44
CA LYS A 255 8.42 -10.71 -7.49
C LYS A 255 8.80 -9.23 -7.51
N PHE A 256 7.87 -8.31 -7.06
CA PHE A 256 8.05 -6.85 -7.24
C PHE A 256 8.47 -6.10 -5.94
N ARG A 257 8.14 -6.64 -4.79
CA ARG A 257 8.59 -6.11 -3.46
C ARG A 257 8.70 -7.22 -2.44
N MET A 258 9.85 -7.27 -1.73
CA MET A 258 10.10 -8.31 -0.70
C MET A 258 9.11 -8.23 0.46
N GLY A 259 8.80 -9.36 1.10
CA GLY A 259 8.23 -9.38 2.47
C GLY A 259 6.74 -9.12 2.59
N LEU A 260 6.02 -9.01 1.46
CA LEU A 260 4.59 -8.66 1.50
C LEU A 260 3.84 -9.70 2.33
N ILE A 261 3.04 -9.27 3.33
CA ILE A 261 2.38 -10.06 4.38
C ILE A 261 3.50 -10.50 5.35
N GLN A 262 3.50 -9.92 6.53
CA GLN A 262 4.66 -10.01 7.50
C GLN A 262 4.44 -11.09 8.55
N THR A 263 3.24 -11.64 8.71
CA THR A 263 2.93 -12.63 9.77
C THR A 263 1.90 -13.66 9.25
N ALA A 264 1.82 -14.83 9.90
CA ALA A 264 0.77 -15.83 9.62
C ALA A 264 -0.60 -15.23 9.90
N ASP A 265 -0.75 -14.38 10.92
CA ASP A 265 -2.06 -13.75 11.21
C ASP A 265 -2.48 -12.80 10.08
N GLN A 266 -1.56 -11.99 9.52
CA GLN A 266 -1.86 -11.18 8.30
C GLN A 266 -2.24 -12.12 7.12
N LEU A 267 -1.60 -13.29 6.99
CA LEU A 267 -1.98 -14.22 5.89
C LEU A 267 -3.44 -14.67 6.08
N ARG A 268 -3.75 -15.14 7.29
CA ARG A 268 -5.12 -15.57 7.69
C ARG A 268 -6.13 -14.45 7.40
N PHE A 269 -5.84 -13.22 7.82
CA PHE A 269 -6.73 -12.07 7.67
C PHE A 269 -7.01 -11.80 6.17
N SER A 270 -5.99 -11.94 5.32
CA SER A 270 -6.11 -11.73 3.85
C SER A 270 -7.10 -12.76 3.27
N TYR A 271 -6.87 -14.05 3.55
CA TYR A 271 -7.76 -15.17 3.16
C TYR A 271 -9.15 -14.84 3.71
N LEU A 272 -9.21 -14.42 4.98
CA LEU A 272 -10.49 -14.05 5.65
C LEU A 272 -11.17 -12.97 4.83
N ALA A 273 -10.44 -11.88 4.52
CA ALA A 273 -10.96 -10.70 3.78
C ALA A 273 -11.44 -11.09 2.38
N VAL A 274 -10.69 -11.95 1.67
CA VAL A 274 -11.05 -12.37 0.29
C VAL A 274 -12.29 -13.27 0.38
N ILE A 275 -12.34 -14.15 1.38
CA ILE A 275 -13.49 -15.09 1.57
C ILE A 275 -14.75 -14.26 1.81
N GLU A 276 -14.70 -13.28 2.72
CA GLU A 276 -15.88 -12.48 3.15
C GLU A 276 -16.24 -11.45 2.08
N GLY A 277 -15.27 -11.00 1.27
CA GLY A 277 -15.52 -10.01 0.21
C GLY A 277 -16.20 -10.67 -0.99
N ALA A 278 -15.89 -11.95 -1.23
CA ALA A 278 -16.51 -12.81 -2.25
C ALA A 278 -18.01 -12.97 -1.93
N LYS A 279 -18.33 -13.25 -0.66
CA LYS A 279 -19.72 -13.54 -0.19
C LYS A 279 -20.61 -12.31 -0.43
N PHE A 280 -20.11 -11.10 -0.14
CA PHE A 280 -20.86 -9.81 -0.20
C PHE A 280 -21.17 -9.43 -1.66
N ILE A 281 -20.18 -9.56 -2.53
CA ILE A 281 -20.32 -9.33 -4.00
C ILE A 281 -21.31 -10.36 -4.59
N MET A 282 -21.35 -11.58 -4.03
CA MET A 282 -22.19 -12.71 -4.55
C MET A 282 -23.67 -12.36 -4.39
N GLY A 283 -24.27 -11.82 -5.45
CA GLY A 283 -25.71 -11.44 -5.52
C GLY A 283 -25.93 -10.02 -5.03
C TRS B . 10.74 -4.84 -15.45
C1 TRS B . 10.70 -5.52 -14.07
C2 TRS B . 10.17 -5.68 -16.62
C3 TRS B . 12.13 -4.57 -15.84
N TRS B . 10.12 -3.45 -15.38
O1 TRS B . 9.85 -4.80 -13.16
O2 TRS B . 8.88 -6.18 -16.33
O3 TRS B . 13.03 -3.91 -14.86
H11 TRS B . 11.61 -5.57 -13.72
H12 TRS B . 10.38 -6.43 -14.17
H21 TRS B . 10.77 -6.44 -16.79
H22 TRS B . 10.15 -5.13 -17.42
H31 TRS B . 12.11 -4.02 -16.64
H32 TRS B . 12.54 -5.42 -16.09
HN1 TRS B . 10.75 -2.81 -15.50
HN2 TRS B . 9.73 -3.32 -14.57
HN3 TRS B . 9.49 -3.36 -16.02
HO1 TRS B . 9.83 -5.17 -12.36
HO2 TRS B . 8.51 -6.66 -16.75
HO3 TRS B . 12.58 -3.43 -14.33
N1 I8M C . -14.27 12.81 -1.69
C4 I8M C . -15.21 8.93 -3.85
C5 I8M C . -14.42 9.78 -3.05
C6 I8M C . -14.07 11.08 -3.46
C7 I8M C . -13.28 11.96 -2.57
C8 I8M C . -13.85 12.88 -0.25
C10 I8M C . -15.42 15.05 -1.38
O1 I8M C . -14.20 12.81 -5.10
C1 I8M C . -14.55 11.53 -4.72
C2 I8M C . -15.33 10.68 -5.52
C3 I8M C . -15.67 9.38 -5.10
C9 I8M C . -14.57 14.01 0.52
O2 I8M C . -15.73 14.42 -0.16
C11 I8M C . -14.39 14.24 -2.20
H4 I8M C . -15.48 7.90 -3.54
H5 I8M C . -14.09 9.40 -2.07
H6 I8M C . -12.58 12.68 -3.05
H7 I8M C . -12.61 11.44 -1.86
H9 I8M C . -12.77 13.04 -0.24
H8 I8M C . -14.04 11.90 0.21
H13 I8M C . -16.36 15.15 -1.98
H12 I8M C . -15.08 16.10 -1.23
H1 I8M C . -13.26 12.90 -5.34
H2 I8M C . -15.69 11.00 -6.51
H3 I8M C . -16.27 8.70 -5.73
H11 I8M C . -14.73 13.72 1.57
H10 I8M C . -13.87 14.88 0.58
H15 I8M C . -13.38 14.67 -2.11
H14 I8M C . -14.66 14.23 -3.28
H081 I8M C . -15.20 12.36 -1.71
N1 I8M D . -17.62 -12.67 -7.95
C4 I8M D . -21.92 -13.81 -9.39
C5 I8M D . -20.53 -13.86 -9.31
C6 I8M D . -19.69 -12.73 -9.55
C7 I8M D . -18.18 -12.88 -9.43
C8 I8M D . -17.07 -13.92 -7.36
C10 I8M D . -15.69 -11.51 -6.61
O1 I8M D . -19.62 -10.37 -10.15
C1 I8M D . -20.38 -11.51 -9.91
C2 I8M D . -21.80 -11.47 -10.00
C3 I8M D . -22.56 -12.61 -9.73
C9 I8M D . -16.49 -13.64 -5.99
O2 I8M D . -15.38 -12.77 -6.05
C11 I8M D . -16.47 -11.62 -7.93
H4 I8M D . -22.55 -14.70 -9.19
H5 I8M D . -20.07 -14.82 -9.02
H6 I8M D . -17.59 -12.21 -10.08
H7 I8M D . -17.78 -13.87 -9.76
H9 I8M D . -16.31 -14.30 -8.05
H8 I8M D . -17.88 -14.67 -7.32
H13 I8M D . -16.31 -10.95 -5.89
H12 I8M D . -14.79 -10.87 -6.73
H1 I8M D . -19.06 -10.13 -9.39
H2 I8M D . -22.33 -10.56 -10.26
H3 I8M D . -23.67 -12.60 -9.80
H11 I8M D . -17.29 -13.31 -5.30
H10 I8M D . -16.14 -14.61 -5.57
H15 I8M D . -15.79 -11.94 -8.75
H14 I8M D . -16.90 -10.66 -8.21
H081 I8M D . -18.39 -12.36 -7.35
#